data_4ZA5
#
_entry.id   4ZA5
#
_cell.length_a   96.020
_cell.length_b   63.790
_cell.length_c   87.720
_cell.angle_alpha   90.00
_cell.angle_beta   90.00
_cell.angle_gamma   90.00
#
_symmetry.space_group_name_H-M   'P 21 21 2'
#
loop_
_entity.id
_entity.type
_entity.pdbx_description
1 polymer Fdc1
2 non-polymer '1-deoxy-5-O-phosphono-1-(3,3,4,5-tetramethyl-9,11-dioxo-2,3,8,9,10,11-hexahydro-7H-quinolino[1,8-fg]pteridin-12-ium-7-y l)-D-ribitol'
3 non-polymer 1-deoxy-5-O-phosphono-1-[(10aR)-2,2,3,4-tetramethyl-8,10-dioxo-1,2,8,9,10,10a-hexahydro-6H-indeno[1,7-ef]pyrimido[4,5-b][1,4]diazepin-6-yl]-D-ribitol
4 non-polymer 'MANGANESE (II) ION'
5 non-polymer 'POTASSIUM ION'
6 water water
#
_entity_poly.entity_id   1
_entity_poly.type   'polypeptide(L)'
_entity_poly.pdbx_seq_one_letter_code
;MSAQPAHLCFRSFVEALKVDNDLVEINTPIDPNLEAAAITRRVCETNDKAPLFNNLIGMKNGLFRILGAPGSLRKSSADR
YGRLARHLALPPTASMREILDKMLSASDMPPIPPTIVPTGPCKENSLDDSEFDLTELPVPLIHKSDGGKYIQTYGMHIVQ
SPDGTWTNWSIARAMVHDKNHLTGLVIPPQHIWQIHQMWKKEGRSDVPWALAFGVPPAAIMASSMPIPDGVTEAGYVGAM
TGSSLELVKCDTNDLYVPATSEIVLEGTLSISETGPEGPFGEMHGYIFPGDTHLGAKYKVNRITYRNNAIMPMSSCGRLT
DETHTMIGSLAAAEIRKLCQQNDLPITDAFAPFESQVTWVALRVDTEKLRAMKTTSEGFRKRVGDVVFNHKAGYTIHRLV
LVGDDIDVYEGKDVLWAFSTRCRPGMDETLFEDVRGFPLIPYMGHGNGPAHRGGKVVSDALMPTEYTTGRNWEAADFNQS
YPEDLKQKVLDNWTKMGFSNLEHHHHHH
;
_entity_poly.pdbx_strand_id   A
#
loop_
_chem_comp.id
_chem_comp.type
_chem_comp.name
_chem_comp.formula
4LU non-polymer '1-deoxy-5-O-phosphono-1-(3,3,4,5-tetramethyl-9,11-dioxo-2,3,8,9,10,11-hexahydro-7H-quinolino[1,8-fg]pteridin-12-ium-7-y l)-D-ribitol' 'C22 H30 N4 O9 P 1'
FZZ non-polymer 1-deoxy-5-O-phosphono-1-[(10aR)-2,2,3,4-tetramethyl-8,10-dioxo-1,2,8,9,10,10a-hexahydro-6H-indeno[1,7-ef]pyrimido[4,5-b][1,4]diazepin-6-yl]-D-ribitol 'C22 H29 N4 O9 P'
K non-polymer 'POTASSIUM ION' 'K 1'
MN non-polymer 'MANGANESE (II) ION' 'Mn 2'
#
# COMPACT_ATOMS: atom_id res chain seq x y z
N GLN A 4 1.40 18.29 17.22
CA GLN A 4 0.88 16.90 17.06
C GLN A 4 2.02 16.01 16.59
N PRO A 5 2.06 14.77 17.04
CA PRO A 5 3.07 13.88 16.52
C PRO A 5 2.95 13.59 15.03
N ALA A 6 4.10 13.27 14.43
CA ALA A 6 4.16 12.97 13.01
C ALA A 6 3.25 11.88 12.55
N HIS A 7 3.05 10.81 13.34
CA HIS A 7 2.22 9.72 12.89
C HIS A 7 0.72 10.05 12.97
N LEU A 8 0.37 11.13 13.66
CA LEU A 8 -1.00 11.54 13.91
C LEU A 8 -1.38 12.74 13.15
N CYS A 9 -0.50 13.38 12.40
CA CYS A 9 -0.75 14.64 11.78
C CYS A 9 0.17 14.78 10.54
N PHE A 10 -0.46 14.85 9.36
CA PHE A 10 0.31 14.95 8.12
C PHE A 10 1.24 16.16 8.07
N ARG A 11 0.80 17.30 8.58
CA ARG A 11 1.64 18.48 8.54
C ARG A 11 2.89 18.26 9.39
N SER A 12 2.75 17.58 10.53
CA SER A 12 3.90 17.22 11.34
C SER A 12 4.80 16.18 10.69
N PHE A 13 4.22 15.25 9.94
CA PHE A 13 4.98 14.31 9.16
C PHE A 13 5.90 14.99 8.15
N VAL A 14 5.36 15.97 7.46
CA VAL A 14 6.20 16.77 6.50
C VAL A 14 7.34 17.38 7.21
N GLU A 15 7.08 17.99 8.38
N GLU A 15 7.09 18.00 8.35
CA GLU A 15 8.18 18.55 9.23
CA GLU A 15 8.18 18.61 9.09
C GLU A 15 9.16 17.48 9.61
C GLU A 15 9.14 17.51 9.62
N ALA A 16 8.71 16.31 9.98
CA ALA A 16 9.62 15.24 10.31
C ALA A 16 10.54 14.89 9.14
N LEU A 17 10.00 14.79 7.93
CA LEU A 17 10.84 14.51 6.78
C LEU A 17 11.90 15.58 6.56
N LYS A 18 11.50 16.83 6.75
N LYS A 18 11.48 16.83 6.76
CA LYS A 18 12.49 17.92 6.65
CA LYS A 18 12.42 17.96 6.67
C LYS A 18 13.57 17.73 7.69
C LYS A 18 13.54 17.77 7.69
N VAL A 19 13.22 17.52 8.92
N VAL A 19 13.27 17.51 8.96
CA VAL A 19 14.20 17.40 9.96
CA VAL A 19 14.34 17.40 9.93
C VAL A 19 15.11 16.18 9.72
C VAL A 19 15.16 16.09 9.81
N ASP A 20 14.62 15.09 9.12
CA ASP A 20 15.39 13.92 8.74
C ASP A 20 16.33 14.12 7.58
N ASN A 21 16.34 15.33 7.02
CA ASN A 21 17.06 15.57 5.74
C ASN A 21 16.60 14.60 4.68
N ASP A 22 15.26 14.41 4.61
CA ASP A 22 14.63 13.49 3.70
C ASP A 22 13.59 14.17 2.86
N LEU A 23 13.72 15.47 2.63
N LEU A 23 13.73 15.45 2.63
CA LEU A 23 12.75 16.33 1.95
CA LEU A 23 12.77 16.18 1.88
C LEU A 23 13.55 17.30 1.14
C LEU A 23 13.47 17.36 1.19
N VAL A 24 13.11 17.62 -0.04
CA VAL A 24 13.57 18.75 -0.87
C VAL A 24 12.38 19.63 -1.11
N GLU A 25 12.50 20.87 -0.64
CA GLU A 25 11.49 21.87 -0.86
C GLU A 25 11.75 22.59 -2.16
N ILE A 26 10.83 22.63 -3.09
N ILE A 26 10.82 22.59 -3.12
CA ILE A 26 11.00 23.25 -4.33
CA ILE A 26 10.93 23.27 -4.39
C ILE A 26 10.05 24.44 -4.35
C ILE A 26 10.02 24.46 -4.37
N ASN A 27 10.63 25.63 -4.26
CA ASN A 27 9.90 26.84 -4.04
C ASN A 27 9.72 27.65 -5.31
N THR A 28 10.25 27.21 -6.42
CA THR A 28 10.06 27.82 -7.71
C THR A 28 8.88 27.15 -8.41
N PRO A 29 8.33 27.76 -9.47
CA PRO A 29 7.08 27.17 -10.04
C PRO A 29 7.35 25.86 -10.70
N ILE A 30 6.46 24.91 -10.42
CA ILE A 30 6.45 23.56 -10.97
C ILE A 30 5.11 23.27 -11.59
N ASP A 31 5.07 22.68 -12.76
CA ASP A 31 3.83 22.43 -13.46
C ASP A 31 3.21 21.12 -12.95
N PRO A 32 1.93 21.13 -12.53
CA PRO A 32 1.27 19.89 -12.21
C PRO A 32 1.00 19.01 -13.43
N ASN A 33 1.01 19.63 -14.62
CA ASN A 33 0.97 18.83 -15.84
C ASN A 33 2.32 18.19 -16.09
N LEU A 34 2.46 16.97 -15.65
CA LEU A 34 3.61 16.09 -15.79
C LEU A 34 4.89 16.40 -14.97
N GLU A 35 5.23 17.71 -14.80
CA GLU A 35 6.53 18.01 -14.23
C GLU A 35 6.71 17.52 -12.76
N ALA A 36 5.62 17.83 -11.92
CA ALA A 36 5.71 17.38 -10.52
C ALA A 36 5.90 15.83 -10.46
N ALA A 37 5.05 15.13 -11.30
CA ALA A 37 5.06 13.70 -11.29
C ALA A 37 6.39 13.10 -11.89
N ALA A 38 6.98 13.82 -12.85
CA ALA A 38 8.24 13.37 -13.44
C ALA A 38 9.38 13.42 -12.43
N ILE A 39 9.41 14.56 -11.65
CA ILE A 39 10.38 14.70 -10.61
C ILE A 39 10.19 13.57 -9.57
N THR A 40 8.90 13.40 -9.17
CA THR A 40 8.59 12.37 -8.19
C THR A 40 8.98 10.93 -8.69
N ARG A 41 8.67 10.69 -9.97
CA ARG A 41 9.02 9.40 -10.59
C ARG A 41 10.52 9.14 -10.51
N ARG A 42 11.31 10.19 -10.82
N ARG A 42 11.31 10.19 -10.80
CA ARG A 42 12.74 10.05 -10.78
CA ARG A 42 12.74 10.00 -10.75
C ARG A 42 13.23 9.81 -9.33
C ARG A 42 13.24 9.81 -9.32
N VAL A 43 12.62 10.54 -8.33
CA VAL A 43 12.87 10.28 -6.95
C VAL A 43 12.69 8.79 -6.60
N CYS A 44 11.50 8.29 -6.99
CA CYS A 44 11.13 6.93 -6.65
C CYS A 44 12.07 5.86 -7.31
N GLU A 45 12.53 6.16 -8.53
CA GLU A 45 13.41 5.23 -9.23
C GLU A 45 14.81 5.28 -8.69
N THR A 46 15.18 6.32 -7.94
CA THR A 46 16.52 6.51 -7.43
C THR A 46 16.61 6.52 -5.88
N ASN A 47 15.45 6.35 -5.21
CA ASN A 47 15.42 6.41 -3.74
C ASN A 47 15.91 7.71 -3.16
N ASP A 48 15.60 8.78 -3.86
CA ASP A 48 15.98 10.16 -3.38
C ASP A 48 15.02 10.71 -2.35
N LYS A 49 15.30 11.90 -1.90
CA LYS A 49 14.50 12.63 -0.90
C LYS A 49 13.12 12.94 -1.45
N ALA A 50 12.09 13.00 -0.62
CA ALA A 50 10.73 13.28 -1.06
C ALA A 50 10.67 14.73 -1.51
N PRO A 51 9.98 15.04 -2.60
CA PRO A 51 9.81 16.43 -3.11
C PRO A 51 8.58 17.07 -2.54
N LEU A 52 8.71 18.31 -2.02
CA LEU A 52 7.60 19.12 -1.57
C LEU A 52 7.56 20.30 -2.49
N PHE A 53 6.51 20.35 -3.29
CA PHE A 53 6.22 21.35 -4.30
C PHE A 53 5.42 22.49 -3.66
N ASN A 54 6.10 23.55 -3.26
CA ASN A 54 5.50 24.69 -2.56
C ASN A 54 4.93 25.72 -3.48
N ASN A 55 5.20 25.63 -4.76
CA ASN A 55 4.89 26.63 -5.76
C ASN A 55 4.36 25.97 -7.04
N LEU A 56 3.16 25.44 -6.97
N LEU A 56 3.13 25.48 -7.06
CA LEU A 56 2.56 24.61 -8.00
CA LEU A 56 2.55 24.70 -8.20
C LEU A 56 1.77 25.59 -8.96
C LEU A 56 1.74 25.56 -8.97
N ILE A 57 2.04 25.52 -10.24
CA ILE A 57 1.39 26.36 -11.23
C ILE A 57 -0.15 25.95 -11.23
N GLY A 58 -0.99 26.93 -10.94
CA GLY A 58 -2.35 26.74 -10.82
C GLY A 58 -2.90 26.78 -9.44
N MET A 59 -1.98 26.85 -8.44
N MET A 59 -2.08 26.72 -8.43
CA MET A 59 -2.39 26.96 -7.01
CA MET A 59 -2.69 26.90 -7.15
C MET A 59 -3.07 28.30 -6.76
C MET A 59 -3.68 28.06 -7.13
N LYS A 60 -4.26 28.18 -6.07
CA LYS A 60 -5.11 29.40 -5.88
C LYS A 60 -5.83 29.28 -4.63
N ASN A 61 -5.82 30.37 -3.87
CA ASN A 61 -6.56 30.47 -2.60
C ASN A 61 -6.28 29.30 -1.71
N GLY A 62 -5.09 28.83 -1.77
CA GLY A 62 -4.61 27.86 -0.88
C GLY A 62 -4.68 26.44 -1.36
N LEU A 63 -5.24 26.16 -2.53
CA LEU A 63 -5.31 24.78 -3.02
C LEU A 63 -4.40 24.65 -4.24
N PHE A 64 -3.29 23.90 -4.20
CA PHE A 64 -2.69 23.21 -3.09
C PHE A 64 -1.17 23.08 -3.40
N ARG A 65 -0.40 22.73 -2.40
CA ARG A 65 0.95 22.26 -2.58
C ARG A 65 0.90 20.74 -2.79
N ILE A 66 2.01 20.11 -3.22
CA ILE A 66 2.05 18.69 -3.38
C ILE A 66 3.27 18.10 -2.65
N LEU A 67 3.11 17.01 -1.92
CA LEU A 67 4.21 16.18 -1.44
C LEU A 67 4.24 14.91 -2.27
N GLY A 68 5.31 14.67 -3.02
CA GLY A 68 5.47 13.38 -3.70
C GLY A 68 6.20 12.36 -2.88
N ALA A 69 6.06 11.08 -3.30
CA ALA A 69 6.83 10.01 -2.73
C ALA A 69 6.75 9.88 -1.18
N PRO A 70 5.51 10.04 -0.64
CA PRO A 70 5.41 9.98 0.83
C PRO A 70 5.78 8.68 1.52
N GLY A 71 5.69 7.57 0.80
CA GLY A 71 5.95 6.26 1.37
C GLY A 71 6.98 5.47 0.60
N SER A 72 7.87 6.16 -0.13
CA SER A 72 8.90 5.54 -0.92
C SER A 72 10.18 5.32 -0.11
N LEU A 73 11.21 4.75 -0.76
CA LEU A 73 12.38 4.29 -0.08
C LEU A 73 13.49 5.34 0.02
N ARG A 74 14.31 5.23 1.06
CA ARG A 74 15.51 6.04 1.18
C ARG A 74 16.69 5.27 0.65
N LYS A 75 17.77 6.00 0.29
CA LYS A 75 18.89 5.37 -0.40
C LYS A 75 19.70 4.42 0.48
N SER A 76 19.92 4.85 1.68
N SER A 76 19.91 4.86 1.68
CA SER A 76 20.79 4.03 2.52
CA SER A 76 20.73 4.14 2.61
C SER A 76 20.11 2.80 2.99
C SER A 76 20.10 2.84 3.03
N SER A 77 20.83 1.72 3.16
CA SER A 77 20.30 0.51 3.71
C SER A 77 19.85 0.69 5.14
N ALA A 78 20.57 1.47 5.94
CA ALA A 78 20.26 1.54 7.37
C ALA A 78 18.88 2.13 7.67
N ASP A 79 18.47 3.10 6.88
CA ASP A 79 17.14 3.72 7.08
C ASP A 79 16.32 3.59 5.81
N ARG A 80 16.43 2.52 5.07
CA ARG A 80 15.74 2.29 3.83
C ARG A 80 14.25 2.51 3.98
N TYR A 81 13.64 2.04 5.07
CA TYR A 81 12.20 2.14 5.26
C TYR A 81 11.81 3.29 6.21
N GLY A 82 12.70 4.28 6.34
CA GLY A 82 12.45 5.32 7.29
C GLY A 82 11.22 6.14 7.06
N ARG A 83 10.81 6.36 5.82
CA ARG A 83 9.62 7.11 5.54
C ARG A 83 8.37 6.34 6.03
N LEU A 84 8.36 5.03 5.88
N LEU A 84 8.35 5.02 5.89
CA LEU A 84 7.30 4.23 6.41
CA LEU A 84 7.28 4.18 6.46
C LEU A 84 7.34 4.28 7.94
C LEU A 84 7.33 4.23 7.98
N ALA A 85 8.55 4.13 8.54
CA ALA A 85 8.66 4.22 9.98
C ALA A 85 8.09 5.51 10.53
N ARG A 86 8.27 6.60 9.81
CA ARG A 86 7.71 7.91 10.20
C ARG A 86 6.22 7.96 10.12
N HIS A 87 5.55 7.05 9.42
CA HIS A 87 4.10 6.95 9.48
C HIS A 87 3.62 6.36 10.79
N LEU A 88 4.49 5.75 11.60
CA LEU A 88 4.07 4.86 12.65
C LEU A 88 4.71 5.09 13.97
N ALA A 89 5.51 6.18 14.11
CA ALA A 89 6.20 6.49 15.36
C ALA A 89 7.35 5.52 15.66
N LEU A 90 7.79 4.75 14.63
CA LEU A 90 8.91 3.85 14.80
C LEU A 90 10.25 4.56 14.53
N PRO A 91 11.33 4.08 15.11
CA PRO A 91 12.63 4.64 14.73
C PRO A 91 12.90 4.49 13.24
N PRO A 92 13.64 5.43 12.63
CA PRO A 92 13.83 5.42 11.17
C PRO A 92 14.64 4.21 10.67
N THR A 93 15.36 3.58 11.54
CA THR A 93 16.08 2.38 11.22
C THR A 93 15.27 1.10 11.37
N ALA A 94 13.98 1.20 11.59
CA ALA A 94 13.13 0.02 11.77
C ALA A 94 13.24 -0.91 10.56
N SER A 95 13.22 -2.19 10.84
CA SER A 95 13.17 -3.19 9.83
C SER A 95 11.78 -3.38 9.26
N MET A 96 11.68 -4.01 8.09
N MET A 96 11.67 -3.99 8.09
CA MET A 96 10.36 -4.33 7.60
CA MET A 96 10.35 -4.31 7.59
C MET A 96 9.57 -5.25 8.54
C MET A 96 9.57 -5.25 8.53
N ARG A 97 10.23 -6.22 9.15
CA ARG A 97 9.57 -7.05 10.13
C ARG A 97 8.92 -6.19 11.22
N GLU A 98 9.70 -5.20 11.74
CA GLU A 98 9.14 -4.34 12.79
C GLU A 98 7.98 -3.48 12.29
N ILE A 99 8.03 -2.97 11.07
CA ILE A 99 6.96 -2.22 10.48
C ILE A 99 5.70 -3.07 10.32
N LEU A 100 5.86 -4.26 9.77
CA LEU A 100 4.71 -5.14 9.57
C LEU A 100 4.12 -5.63 10.89
N ASP A 101 4.98 -5.90 11.88
CA ASP A 101 4.48 -6.27 13.20
C ASP A 101 3.69 -5.11 13.80
N LYS A 102 4.13 -3.88 13.62
CA LYS A 102 3.39 -2.75 14.12
C LYS A 102 2.03 -2.69 13.46
N MET A 103 1.98 -2.91 12.14
CA MET A 103 0.70 -2.88 11.40
C MET A 103 -0.24 -4.01 11.80
N LEU A 104 0.29 -5.15 12.24
CA LEU A 104 -0.50 -6.28 12.68
C LEU A 104 -0.90 -6.22 14.15
N SER A 105 -0.23 -5.36 14.93
CA SER A 105 -0.38 -5.37 16.38
C SER A 105 -1.81 -5.18 16.87
N ALA A 106 -2.60 -4.38 16.16
CA ALA A 106 -3.96 -4.10 16.57
C ALA A 106 -4.90 -5.27 16.30
N SER A 107 -4.49 -6.30 15.56
N SER A 107 -4.50 -6.29 15.55
CA SER A 107 -5.31 -7.42 15.30
CA SER A 107 -5.37 -7.35 15.25
C SER A 107 -5.70 -8.30 16.49
C SER A 107 -5.96 -8.03 16.46
N ASP A 108 -4.95 -8.29 17.57
N ASP A 108 -5.04 -8.22 17.41
CA ASP A 108 -5.53 -8.91 18.76
CA ASP A 108 -5.22 -8.88 18.72
C ASP A 108 -5.52 -7.91 19.92
C ASP A 108 -5.84 -8.01 19.88
N MET A 109 -6.01 -6.71 19.60
CA MET A 109 -6.33 -5.72 20.61
C MET A 109 -7.78 -5.23 20.44
N PRO A 110 -8.41 -4.81 21.57
CA PRO A 110 -9.68 -4.11 21.47
C PRO A 110 -9.53 -2.89 20.59
N PRO A 111 -10.46 -2.58 19.69
CA PRO A 111 -10.41 -1.27 19.05
C PRO A 111 -10.39 -0.15 20.03
N ILE A 112 -9.82 0.98 19.65
CA ILE A 112 -9.96 2.24 20.38
C ILE A 112 -10.71 3.18 19.50
N PRO A 113 -12.03 3.34 19.71
CA PRO A 113 -12.80 4.12 18.79
C PRO A 113 -12.39 5.58 18.74
N PRO A 114 -12.72 6.27 17.69
CA PRO A 114 -12.31 7.64 17.54
C PRO A 114 -13.08 8.55 18.48
N THR A 115 -12.54 9.73 18.68
CA THR A 115 -13.11 10.82 19.49
C THR A 115 -13.54 11.91 18.60
N ILE A 116 -14.78 12.40 18.83
CA ILE A 116 -15.36 13.44 18.03
C ILE A 116 -15.00 14.74 18.66
N VAL A 117 -14.39 15.66 17.93
CA VAL A 117 -14.13 17.01 18.36
C VAL A 117 -14.89 17.98 17.49
N PRO A 118 -15.12 19.21 18.04
CA PRO A 118 -15.98 20.16 17.31
C PRO A 118 -15.34 20.79 16.09
N THR A 119 -14.00 20.90 16.01
CA THR A 119 -13.37 21.55 14.85
C THR A 119 -11.94 21.03 14.76
N GLY A 120 -11.30 21.43 13.67
CA GLY A 120 -9.89 21.16 13.51
C GLY A 120 -9.34 21.91 12.35
N PRO A 121 -8.05 21.74 12.05
CA PRO A 121 -7.46 22.49 10.97
C PRO A 121 -8.13 22.31 9.61
N CYS A 122 -8.71 21.14 9.36
CA CYS A 122 -9.34 20.84 8.08
C CYS A 122 -10.53 21.73 7.81
N LYS A 123 -10.99 22.53 8.82
CA LYS A 123 -12.11 23.44 8.69
C LYS A 123 -11.65 24.87 8.46
N GLU A 124 -10.37 25.11 8.35
CA GLU A 124 -9.83 26.49 8.24
C GLU A 124 -10.38 27.16 7.03
N ASN A 125 -10.71 26.47 5.95
CA ASN A 125 -11.19 27.09 4.78
C ASN A 125 -12.25 26.16 4.19
N SER A 126 -13.21 26.73 3.48
CA SER A 126 -14.22 25.97 2.79
C SER A 126 -14.70 26.54 1.50
N LEU A 127 -15.22 25.68 0.61
CA LEU A 127 -15.72 26.06 -0.69
C LEU A 127 -16.97 25.25 -0.91
N ASP A 128 -18.07 25.97 -1.04
CA ASP A 128 -19.29 25.37 -1.41
C ASP A 128 -19.41 25.10 -2.89
N ASP A 129 -20.56 24.49 -3.27
N ASP A 129 -20.54 24.48 -3.28
CA ASP A 129 -20.74 24.03 -4.65
CA ASP A 129 -20.74 24.06 -4.69
C ASP A 129 -20.92 25.10 -5.76
C ASP A 129 -20.58 25.16 -5.79
N SER A 130 -20.93 26.37 -5.37
CA SER A 130 -20.86 27.54 -6.27
C SER A 130 -19.44 28.11 -6.34
N GLU A 131 -18.50 27.65 -5.50
CA GLU A 131 -17.23 28.29 -5.33
C GLU A 131 -16.02 27.47 -5.75
N PHE A 132 -16.16 26.17 -6.04
CA PHE A 132 -15.04 25.36 -6.55
C PHE A 132 -15.32 24.81 -7.91
N ASP A 133 -14.26 24.47 -8.62
CA ASP A 133 -14.33 23.74 -9.89
C ASP A 133 -13.12 22.86 -9.92
N LEU A 134 -13.34 21.54 -9.89
CA LEU A 134 -12.21 20.58 -9.82
C LEU A 134 -11.25 20.67 -10.97
N THR A 135 -11.81 21.12 -12.12
CA THR A 135 -10.99 21.30 -13.34
C THR A 135 -10.08 22.52 -13.29
N GLU A 136 -10.31 23.38 -12.31
CA GLU A 136 -9.49 24.58 -12.15
C GLU A 136 -8.44 24.44 -11.07
N LEU A 137 -8.40 23.37 -10.31
CA LEU A 137 -7.41 23.11 -9.33
C LEU A 137 -6.12 22.57 -10.01
N PRO A 138 -4.96 22.60 -9.33
CA PRO A 138 -3.72 22.10 -9.95
C PRO A 138 -3.54 20.57 -9.78
N VAL A 139 -4.57 19.84 -10.21
CA VAL A 139 -4.58 18.43 -10.13
C VAL A 139 -3.50 17.89 -11.12
N PRO A 140 -2.62 16.95 -10.72
CA PRO A 140 -1.56 16.51 -11.60
C PRO A 140 -2.04 15.60 -12.67
N LEU A 141 -1.40 15.72 -13.85
CA LEU A 141 -1.29 14.69 -14.83
C LEU A 141 -0.04 13.88 -14.47
N ILE A 142 -0.20 12.63 -14.06
CA ILE A 142 0.90 11.88 -13.46
C ILE A 142 1.75 11.14 -14.51
N HIS A 143 1.11 10.62 -15.55
CA HIS A 143 1.82 9.93 -16.64
C HIS A 143 1.28 10.49 -17.91
N LYS A 144 2.09 10.57 -18.97
N LYS A 144 2.08 10.61 -18.99
CA LYS A 144 1.66 11.30 -20.14
CA LYS A 144 1.58 11.34 -20.16
C LYS A 144 0.44 10.72 -20.86
C LYS A 144 0.37 10.73 -20.82
N SER A 145 0.20 9.39 -20.78
CA SER A 145 -0.90 8.75 -21.39
C SER A 145 -2.11 8.51 -20.45
N ASP A 146 -2.08 9.07 -19.25
CA ASP A 146 -3.23 8.88 -18.32
C ASP A 146 -4.49 9.43 -18.95
N GLY A 147 -5.61 8.80 -18.63
CA GLY A 147 -6.91 9.23 -19.15
C GLY A 147 -7.57 10.31 -18.36
N GLY A 148 -6.90 10.92 -17.40
CA GLY A 148 -7.44 12.02 -16.59
C GLY A 148 -6.37 12.45 -15.65
N LYS A 149 -6.73 13.54 -14.93
N LYS A 149 -6.76 13.54 -14.94
CA LYS A 149 -5.87 14.07 -13.90
CA LYS A 149 -5.96 14.14 -13.89
C LYS A 149 -6.21 13.42 -12.57
C LYS A 149 -6.23 13.41 -12.57
N TYR A 150 -5.30 12.60 -12.07
CA TYR A 150 -5.57 11.75 -10.92
C TYR A 150 -5.29 12.48 -9.65
N ILE A 151 -6.36 13.17 -9.18
CA ILE A 151 -6.35 13.87 -7.91
C ILE A 151 -6.12 12.94 -6.74
N GLN A 152 -6.58 11.71 -6.87
CA GLN A 152 -6.61 10.79 -5.77
C GLN A 152 -5.67 9.62 -5.99
N THR A 153 -4.47 9.76 -5.41
CA THR A 153 -3.48 8.70 -5.34
C THR A 153 -2.96 8.41 -3.93
N TYR A 154 -3.32 9.28 -2.93
CA TYR A 154 -2.82 9.03 -1.58
C TYR A 154 -3.76 9.58 -0.49
N GLY A 155 -5.00 9.82 -0.86
CA GLY A 155 -6.06 10.11 0.07
C GLY A 155 -6.85 8.91 0.49
N MET A 156 -7.70 9.09 1.47
CA MET A 156 -8.49 8.02 2.09
C MET A 156 -9.99 8.25 1.78
N HIS A 157 -10.57 7.31 1.11
CA HIS A 157 -12.02 7.27 0.92
C HIS A 157 -12.63 6.76 2.22
N ILE A 158 -13.74 7.45 2.59
CA ILE A 158 -14.51 7.11 3.77
C ILE A 158 -15.95 6.80 3.37
N VAL A 159 -16.40 5.57 3.61
CA VAL A 159 -17.80 5.16 3.37
C VAL A 159 -18.16 4.28 4.54
N GLN A 160 -19.50 4.26 4.80
CA GLN A 160 -20.04 3.54 5.93
C GLN A 160 -21.17 2.62 5.44
N SER A 161 -21.25 1.45 6.05
CA SER A 161 -22.38 0.56 5.74
C SER A 161 -23.71 1.24 6.01
N PRO A 162 -24.77 0.85 5.31
CA PRO A 162 -26.12 1.42 5.56
C PRO A 162 -26.54 1.35 7.00
N ASP A 163 -26.20 0.33 7.72
CA ASP A 163 -26.61 0.14 9.10
C ASP A 163 -25.77 0.88 10.05
N GLY A 164 -24.68 1.54 9.61
CA GLY A 164 -23.89 2.35 10.47
C GLY A 164 -22.80 1.65 11.21
N THR A 165 -22.70 0.36 11.13
CA THR A 165 -21.88 -0.40 12.00
C THR A 165 -20.40 -0.55 11.55
N TRP A 166 -20.13 -0.26 10.28
CA TRP A 166 -18.76 -0.37 9.71
C TRP A 166 -18.51 0.86 8.91
N THR A 167 -17.40 1.56 9.30
CA THR A 167 -16.90 2.69 8.53
C THR A 167 -15.50 2.28 7.97
N ASN A 168 -15.40 2.25 6.65
CA ASN A 168 -14.18 1.82 6.01
C ASN A 168 -13.39 2.96 5.52
N TRP A 169 -12.06 2.88 5.68
CA TRP A 169 -11.05 3.81 5.15
C TRP A 169 -10.13 2.99 4.21
N SER A 170 -10.00 3.51 2.98
N SER A 170 -10.02 3.56 3.00
CA SER A 170 -9.16 2.79 1.96
CA SER A 170 -9.19 2.85 1.95
C SER A 170 -8.68 3.79 0.98
C SER A 170 -8.75 3.80 0.84
N ILE A 171 -7.79 3.36 0.08
N ILE A 171 -7.70 3.32 0.12
CA ILE A 171 -7.14 4.20 -0.94
CA ILE A 171 -7.09 4.08 -1.00
C ILE A 171 -7.59 3.44 -2.15
C ILE A 171 -7.46 3.70 -2.45
N ALA A 172 -8.20 4.16 -3.08
N ALA A 172 -8.59 3.91 -2.97
CA ALA A 172 -8.62 3.62 -4.40
CA ALA A 172 -8.89 3.62 -4.38
C ALA A 172 -8.43 4.79 -5.22
C ALA A 172 -8.59 4.80 -5.26
N ARG A 173 -8.01 4.63 -6.47
CA ARG A 173 -7.67 5.75 -7.31
C ARG A 173 -8.91 6.48 -7.77
N ALA A 174 -8.73 7.77 -8.07
CA ALA A 174 -9.80 8.51 -8.68
C ALA A 174 -9.20 9.73 -9.40
N MET A 175 -9.90 10.08 -10.50
CA MET A 175 -9.56 11.18 -11.38
C MET A 175 -10.68 12.15 -11.54
N VAL A 176 -10.34 13.36 -11.92
CA VAL A 176 -11.35 14.38 -12.20
C VAL A 176 -12.17 14.06 -13.45
N HIS A 177 -13.49 14.06 -13.32
CA HIS A 177 -14.40 13.90 -14.43
C HIS A 177 -14.90 15.23 -14.97
N ASP A 178 -15.34 16.10 -14.07
CA ASP A 178 -15.76 17.45 -14.41
C ASP A 178 -15.70 18.33 -13.16
N LYS A 179 -16.34 19.51 -13.28
CA LYS A 179 -16.18 20.48 -12.22
C LYS A 179 -16.52 20.01 -10.85
N ASN A 180 -17.47 19.06 -10.76
CA ASN A 180 -17.93 18.55 -9.49
C ASN A 180 -18.04 17.04 -9.39
N HIS A 181 -17.32 16.28 -10.22
CA HIS A 181 -17.37 14.85 -10.11
C HIS A 181 -15.92 14.25 -10.35
N LEU A 182 -15.77 13.13 -9.73
CA LEU A 182 -14.63 12.22 -9.98
C LEU A 182 -15.11 10.91 -10.56
N THR A 183 -14.25 10.18 -11.25
CA THR A 183 -14.46 8.78 -11.54
C THR A 183 -13.32 7.99 -10.93
N GLY A 184 -13.57 6.74 -10.59
CA GLY A 184 -12.54 5.89 -10.02
C GLY A 184 -12.84 4.44 -10.04
N LEU A 185 -11.90 3.61 -9.65
N LEU A 185 -11.94 3.66 -9.58
CA LEU A 185 -12.11 2.17 -9.47
CA LEU A 185 -12.02 2.26 -9.61
C LEU A 185 -12.74 1.85 -8.21
C LEU A 185 -12.68 1.81 -8.27
N VAL A 186 -13.84 1.11 -8.36
CA VAL A 186 -14.52 0.50 -7.26
C VAL A 186 -14.80 -0.97 -7.68
N ILE A 187 -13.95 -1.90 -7.27
CA ILE A 187 -13.94 -3.24 -7.80
C ILE A 187 -13.92 -4.26 -6.69
N PRO A 188 -14.50 -5.43 -6.97
CA PRO A 188 -14.41 -6.48 -5.98
C PRO A 188 -12.96 -6.99 -5.87
N PRO A 189 -12.53 -7.46 -4.72
CA PRO A 189 -13.30 -7.63 -3.49
C PRO A 189 -13.11 -6.49 -2.46
N GLN A 190 -12.75 -5.33 -2.97
CA GLN A 190 -12.33 -4.21 -2.10
C GLN A 190 -13.48 -3.78 -1.20
N HIS A 191 -13.16 -3.27 -0.02
CA HIS A 191 -14.23 -2.88 0.91
C HIS A 191 -15.05 -1.68 0.41
N ILE A 192 -14.50 -0.77 -0.33
CA ILE A 192 -15.32 0.29 -0.87
C ILE A 192 -16.40 -0.31 -1.79
N TRP A 193 -16.03 -1.32 -2.57
CA TRP A 193 -17.00 -2.04 -3.40
C TRP A 193 -17.98 -2.80 -2.55
N GLN A 194 -17.55 -3.51 -1.54
CA GLN A 194 -18.49 -4.27 -0.72
C GLN A 194 -19.52 -3.35 -0.13
N ILE A 195 -19.12 -2.22 0.40
CA ILE A 195 -20.11 -1.23 0.97
C ILE A 195 -20.91 -0.64 -0.12
N HIS A 196 -20.39 -0.30 -1.26
N HIS A 196 -20.39 -0.30 -1.29
CA HIS A 196 -21.19 0.20 -2.33
CA HIS A 196 -21.18 0.18 -2.40
C HIS A 196 -22.32 -0.79 -2.68
C HIS A 196 -22.32 -0.79 -2.73
N GLN A 197 -22.00 -2.08 -2.74
CA GLN A 197 -23.01 -3.10 -3.05
C GLN A 197 -24.14 -3.11 -2.03
N MET A 198 -23.83 -2.89 -0.76
CA MET A 198 -24.86 -2.83 0.27
C MET A 198 -25.82 -1.72 -0.04
N TRP A 199 -25.32 -0.53 -0.38
CA TRP A 199 -26.19 0.59 -0.70
C TRP A 199 -26.97 0.36 -2.01
N LYS A 200 -26.35 -0.27 -2.99
N LYS A 200 -26.34 -0.28 -3.01
CA LYS A 200 -27.07 -0.58 -4.20
CA LYS A 200 -27.05 -0.62 -4.24
C LYS A 200 -28.23 -1.49 -3.96
C LYS A 200 -28.24 -1.49 -3.95
N LYS A 201 -28.05 -2.49 -3.11
CA LYS A 201 -29.12 -3.44 -2.82
C LYS A 201 -30.21 -2.75 -2.06
N GLU A 202 -29.94 -1.86 -1.17
CA GLU A 202 -30.95 -1.06 -0.51
C GLU A 202 -31.69 -0.15 -1.48
N GLY A 203 -31.00 0.39 -2.47
CA GLY A 203 -31.60 1.05 -3.61
C GLY A 203 -32.19 2.33 -3.45
N ARG A 204 -32.06 2.95 -2.27
CA ARG A 204 -32.76 4.20 -1.93
C ARG A 204 -31.95 5.44 -2.09
N SER A 205 -30.65 5.42 -1.89
N SER A 205 -30.65 5.36 -1.98
CA SER A 205 -29.83 6.62 -2.14
CA SER A 205 -29.78 6.54 -1.78
C SER A 205 -28.43 6.31 -2.51
C SER A 205 -28.40 6.31 -2.37
N ASP A 206 -27.81 7.35 -2.97
CA ASP A 206 -26.35 7.32 -3.22
C ASP A 206 -25.59 7.18 -1.91
N VAL A 207 -24.35 6.74 -1.95
CA VAL A 207 -23.59 6.45 -0.77
C VAL A 207 -23.00 7.74 -0.23
N PRO A 208 -23.29 8.13 1.02
CA PRO A 208 -22.56 9.25 1.62
C PRO A 208 -21.07 8.95 1.61
N TRP A 209 -20.29 9.96 1.24
CA TRP A 209 -18.86 9.69 0.98
C TRP A 209 -18.07 10.92 1.39
N ALA A 210 -16.82 10.70 1.79
CA ALA A 210 -15.82 11.78 1.93
C ALA A 210 -14.47 11.15 1.46
N LEU A 211 -13.62 12.06 1.01
CA LEU A 211 -12.27 11.71 0.60
C LEU A 211 -11.32 12.72 1.27
N ALA A 212 -10.49 12.21 2.16
CA ALA A 212 -9.62 13.09 2.94
C ALA A 212 -8.16 12.83 2.52
N PHE A 213 -7.51 13.94 2.16
CA PHE A 213 -6.15 13.91 1.74
C PHE A 213 -5.23 14.48 2.82
N GLY A 214 -4.04 13.94 2.93
CA GLY A 214 -3.16 14.42 3.99
C GLY A 214 -3.74 14.08 5.35
N VAL A 215 -4.12 12.82 5.48
CA VAL A 215 -4.62 12.31 6.74
C VAL A 215 -3.48 11.92 7.66
N PRO A 216 -3.76 11.58 8.94
CA PRO A 216 -2.71 11.05 9.80
C PRO A 216 -1.98 9.93 9.11
N PRO A 217 -0.66 9.97 9.11
CA PRO A 217 0.08 8.87 8.45
C PRO A 217 -0.30 7.51 8.94
N ALA A 218 -0.55 7.30 10.23
CA ALA A 218 -0.87 5.95 10.64
C ALA A 218 -2.19 5.50 10.02
N ALA A 219 -3.10 6.43 9.81
CA ALA A 219 -4.37 6.16 9.14
C ALA A 219 -4.21 5.82 7.68
N ILE A 220 -3.30 6.46 6.91
CA ILE A 220 -3.15 6.07 5.54
C ILE A 220 -2.54 4.72 5.39
N MET A 221 -1.68 4.34 6.35
N MET A 221 -1.69 4.34 6.37
CA MET A 221 -1.16 2.97 6.32
CA MET A 221 -1.16 2.96 6.39
C MET A 221 -2.26 1.96 6.50
C MET A 221 -2.24 1.93 6.52
N ALA A 222 -3.12 2.13 7.50
CA ALA A 222 -4.25 1.20 7.68
C ALA A 222 -5.19 1.25 6.50
N SER A 223 -5.31 2.40 5.86
N SER A 223 -5.40 2.41 5.91
CA SER A 223 -6.16 2.51 4.70
CA SER A 223 -6.24 2.51 4.72
C SER A 223 -5.69 1.46 3.70
C SER A 223 -5.74 1.65 3.53
N SER A 224 -4.39 1.47 3.41
N SER A 224 -4.39 1.37 3.50
CA SER A 224 -3.77 0.57 2.46
CA SER A 224 -3.80 0.57 2.43
C SER A 224 -3.66 -0.89 2.80
C SER A 224 -3.73 -0.88 2.80
N MET A 225 -4.05 -1.25 3.96
N MET A 225 -4.04 -1.23 4.01
CA MET A 225 -3.93 -2.64 4.48
CA MET A 225 -3.93 -2.64 4.49
C MET A 225 -5.24 -3.39 4.37
C MET A 225 -5.21 -3.44 4.55
N PRO A 226 -5.20 -4.68 4.03
N PRO A 226 -5.30 -4.58 3.94
CA PRO A 226 -6.50 -5.43 3.93
CA PRO A 226 -6.55 -5.40 3.98
C PRO A 226 -6.82 -6.03 5.26
C PRO A 226 -6.87 -6.01 5.30
N ILE A 227 -7.15 -5.16 6.25
CA ILE A 227 -7.67 -5.64 7.54
C ILE A 227 -9.09 -6.28 7.27
N PRO A 228 -9.59 -7.04 8.21
CA PRO A 228 -10.78 -7.87 7.93
C PRO A 228 -12.05 -7.09 7.59
N ASP A 229 -12.91 -7.78 6.85
CA ASP A 229 -14.23 -7.34 6.59
C ASP A 229 -14.91 -6.89 7.84
N GLY A 230 -15.64 -5.80 7.83
CA GLY A 230 -16.44 -5.34 8.94
C GLY A 230 -15.67 -4.62 10.00
N VAL A 231 -14.34 -4.47 9.87
CA VAL A 231 -13.54 -3.80 10.91
C VAL A 231 -13.34 -2.34 10.45
N THR A 232 -13.74 -1.42 11.35
CA THR A 232 -13.58 -0.05 11.14
C THR A 232 -12.12 0.36 11.31
N GLU A 233 -11.48 0.86 10.26
CA GLU A 233 -10.06 1.19 10.31
C GLU A 233 -9.78 2.18 11.43
N ALA A 234 -10.66 3.15 11.71
CA ALA A 234 -10.33 4.18 12.72
C ALA A 234 -10.00 3.51 14.05
N GLY A 235 -10.75 2.53 14.48
CA GLY A 235 -10.52 1.87 15.74
C GLY A 235 -9.31 0.95 15.74
N TYR A 236 -8.95 0.42 14.60
CA TYR A 236 -7.71 -0.39 14.43
C TYR A 236 -6.51 0.53 14.59
N VAL A 237 -6.53 1.70 13.93
CA VAL A 237 -5.46 2.68 14.04
C VAL A 237 -5.36 3.19 15.46
N GLY A 238 -6.51 3.43 16.13
CA GLY A 238 -6.47 3.81 17.53
C GLY A 238 -5.78 2.77 18.38
N ALA A 239 -6.09 1.49 18.18
CA ALA A 239 -5.41 0.49 18.96
C ALA A 239 -3.94 0.39 18.61
N MET A 240 -3.56 0.45 17.36
N MET A 240 -3.59 0.49 17.35
CA MET A 240 -2.16 0.37 16.94
CA MET A 240 -2.20 0.38 16.91
C MET A 240 -1.32 1.48 17.59
C MET A 240 -1.33 1.50 17.49
N THR A 241 -1.84 2.70 17.58
CA THR A 241 -1.11 3.86 18.05
C THR A 241 -1.30 4.09 19.55
N GLY A 242 -2.22 3.38 20.18
CA GLY A 242 -2.50 3.57 21.58
C GLY A 242 -3.31 4.77 21.87
N SER A 243 -3.86 5.51 20.94
CA SER A 243 -4.57 6.74 21.11
C SER A 243 -5.82 6.79 20.28
N SER A 244 -6.92 7.34 20.77
CA SER A 244 -8.07 7.55 19.98
C SER A 244 -7.85 8.67 18.95
N LEU A 245 -8.19 8.41 17.71
CA LEU A 245 -8.03 9.43 16.70
C LEU A 245 -9.14 10.47 16.80
N GLU A 246 -8.75 11.74 16.66
CA GLU A 246 -9.66 12.88 16.69
C GLU A 246 -10.29 13.12 15.33
N LEU A 247 -11.59 13.04 15.25
CA LEU A 247 -12.34 13.22 14.03
C LEU A 247 -13.32 14.38 14.15
N VAL A 248 -13.61 15.06 13.06
N VAL A 248 -13.67 15.00 13.06
CA VAL A 248 -14.63 16.12 12.96
CA VAL A 248 -14.62 16.09 13.00
C VAL A 248 -15.70 15.74 11.94
C VAL A 248 -15.70 15.73 11.97
N LYS A 249 -16.93 16.11 12.24
CA LYS A 249 -18.01 15.79 11.29
C LYS A 249 -17.83 16.61 10.00
N CYS A 250 -18.18 15.95 8.89
CA CYS A 250 -18.34 16.65 7.67
C CYS A 250 -19.43 17.74 7.82
N ASP A 251 -19.40 18.74 6.96
CA ASP A 251 -20.44 19.78 7.01
C ASP A 251 -21.73 19.35 6.32
N THR A 252 -21.64 18.57 5.26
CA THR A 252 -22.77 18.23 4.44
C THR A 252 -23.24 16.82 4.57
N ASN A 253 -22.59 16.01 5.42
CA ASN A 253 -23.11 14.69 5.71
C ASN A 253 -22.64 14.33 7.09
N ASP A 254 -22.98 13.14 7.60
CA ASP A 254 -22.66 12.75 8.93
C ASP A 254 -21.47 11.81 9.05
N LEU A 255 -20.60 11.77 8.05
CA LEU A 255 -19.36 11.12 8.17
C LEU A 255 -18.34 11.96 8.95
N TYR A 256 -17.32 11.31 9.47
CA TYR A 256 -16.29 11.95 10.25
C TYR A 256 -14.92 11.79 9.62
N VAL A 257 -14.19 12.88 9.58
CA VAL A 257 -12.87 12.91 8.93
C VAL A 257 -11.84 13.27 9.94
N PRO A 258 -10.54 12.91 9.72
CA PRO A 258 -9.55 13.32 10.66
C PRO A 258 -9.45 14.80 10.79
N ALA A 259 -9.33 15.29 12.04
CA ALA A 259 -9.36 16.71 12.33
C ALA A 259 -8.31 17.49 11.61
N THR A 260 -7.11 16.92 11.40
CA THR A 260 -5.97 17.57 10.75
C THR A 260 -5.83 17.24 9.27
N SER A 261 -6.87 16.65 8.66
CA SER A 261 -6.80 16.41 7.22
C SER A 261 -6.41 17.70 6.50
N GLU A 262 -5.57 17.58 5.48
CA GLU A 262 -5.19 18.72 4.70
C GLU A 262 -6.28 19.24 3.82
N ILE A 263 -7.00 18.32 3.13
CA ILE A 263 -8.04 18.63 2.21
C ILE A 263 -9.12 17.55 2.32
N VAL A 264 -10.37 17.95 2.37
CA VAL A 264 -11.50 17.07 2.43
C VAL A 264 -12.49 17.36 1.34
N LEU A 265 -12.86 16.33 0.57
CA LEU A 265 -13.99 16.39 -0.34
C LEU A 265 -15.18 15.67 0.30
N GLU A 266 -16.35 16.30 0.29
CA GLU A 266 -17.58 15.69 0.80
C GLU A 266 -18.56 15.50 -0.33
N GLY A 267 -19.26 14.37 -0.39
CA GLY A 267 -20.29 14.24 -1.40
C GLY A 267 -20.89 12.85 -1.40
N THR A 268 -21.08 12.27 -2.58
CA THR A 268 -21.76 11.00 -2.70
C THR A 268 -21.06 10.13 -3.78
N LEU A 269 -21.08 8.83 -3.55
CA LEU A 269 -20.66 7.84 -4.52
C LEU A 269 -21.97 7.28 -5.10
N SER A 270 -22.16 7.41 -6.42
CA SER A 270 -23.45 7.04 -7.03
C SER A 270 -23.62 5.54 -6.97
N ILE A 271 -24.91 5.14 -6.72
CA ILE A 271 -25.31 3.77 -6.88
C ILE A 271 -25.82 3.45 -8.26
N SER A 272 -25.89 4.44 -9.15
CA SER A 272 -26.43 4.25 -10.49
C SER A 272 -25.52 4.73 -11.64
N GLU A 273 -24.74 5.78 -11.46
CA GLU A 273 -24.05 6.41 -12.55
C GLU A 273 -22.59 5.95 -12.62
N THR A 274 -22.09 6.00 -13.81
CA THR A 274 -20.71 5.66 -14.09
C THR A 274 -20.11 6.72 -15.00
N GLY A 275 -18.82 6.72 -15.24
CA GLY A 275 -18.24 7.57 -16.24
C GLY A 275 -16.84 7.03 -16.63
N PRO A 276 -16.27 7.59 -17.71
CA PRO A 276 -14.99 7.09 -18.20
C PRO A 276 -13.91 7.19 -17.13
N GLU A 277 -13.08 6.18 -16.98
CA GLU A 277 -12.04 6.18 -16.00
C GLU A 277 -10.81 5.48 -16.60
N GLY A 278 -9.67 5.98 -16.33
CA GLY A 278 -8.48 5.37 -16.84
C GLY A 278 -8.17 5.75 -18.27
N PRO A 279 -7.07 5.26 -18.86
CA PRO A 279 -6.09 4.42 -18.21
C PRO A 279 -5.21 5.20 -17.20
N PHE A 280 -4.51 4.45 -16.41
CA PHE A 280 -3.60 5.02 -15.45
C PHE A 280 -2.30 4.22 -15.38
N GLY A 281 -1.18 4.88 -15.28
CA GLY A 281 0.09 4.17 -15.06
C GLY A 281 0.16 3.59 -13.69
N GLU A 282 0.18 2.28 -13.66
CA GLU A 282 -0.13 1.46 -12.53
C GLU A 282 1.06 0.77 -11.88
N MET A 283 0.79 0.12 -10.71
CA MET A 283 1.77 -0.47 -9.84
C MET A 283 2.68 -1.48 -10.48
N HIS A 284 2.22 -2.15 -11.55
CA HIS A 284 3.05 -3.15 -12.19
C HIS A 284 4.01 -2.60 -13.20
N GLY A 285 3.91 -1.31 -13.47
CA GLY A 285 4.89 -0.62 -14.32
C GLY A 285 4.40 -0.28 -15.69
N TYR A 286 3.09 -0.32 -15.95
CA TYR A 286 2.57 -0.16 -17.31
C TYR A 286 1.41 0.82 -17.38
N ILE A 287 1.22 1.40 -18.53
CA ILE A 287 -0.01 1.99 -18.94
C ILE A 287 -0.31 1.49 -20.34
N PHE A 288 -1.61 1.25 -20.56
CA PHE A 288 -2.15 0.80 -21.88
C PHE A 288 -2.91 1.97 -22.46
N PRO A 289 -2.28 2.84 -23.28
N PRO A 289 -2.31 2.84 -23.30
CA PRO A 289 -2.91 4.05 -23.71
CA PRO A 289 -2.95 4.08 -23.76
C PRO A 289 -4.23 3.75 -24.42
C PRO A 289 -4.36 3.89 -24.36
N GLY A 290 -5.22 4.60 -24.11
N GLY A 290 -4.66 2.77 -24.99
CA GLY A 290 -6.50 4.46 -24.67
CA GLY A 290 -6.00 2.66 -25.48
C GLY A 290 -7.42 3.45 -23.97
C GLY A 290 -7.08 2.27 -24.49
N ASP A 291 -6.96 2.59 -23.12
CA ASP A 291 -7.82 1.63 -22.36
C ASP A 291 -8.61 2.35 -21.33
N THR A 292 -9.61 3.08 -21.70
CA THR A 292 -10.64 3.70 -20.80
C THR A 292 -11.83 2.74 -20.62
N HIS A 293 -12.37 2.66 -19.42
CA HIS A 293 -13.52 1.79 -19.16
C HIS A 293 -14.41 2.59 -18.24
N LEU A 294 -15.63 2.19 -18.08
CA LEU A 294 -16.56 2.90 -17.16
C LEU A 294 -16.15 2.58 -15.74
N GLY A 295 -16.07 3.62 -14.93
CA GLY A 295 -15.82 3.48 -13.48
C GLY A 295 -16.87 4.10 -12.64
N ALA A 296 -16.78 3.94 -11.34
CA ALA A 296 -17.66 4.58 -10.39
C ALA A 296 -17.54 6.08 -10.51
N LYS A 297 -18.63 6.75 -10.16
CA LYS A 297 -18.74 8.20 -10.26
C LYS A 297 -19.12 8.83 -8.90
N TYR A 298 -18.31 9.78 -8.44
CA TYR A 298 -18.44 10.51 -7.20
C TYR A 298 -18.83 11.95 -7.51
N LYS A 299 -19.80 12.45 -6.76
CA LYS A 299 -20.20 13.82 -6.81
C LYS A 299 -19.63 14.58 -5.59
N VAL A 300 -18.97 15.73 -5.83
CA VAL A 300 -18.37 16.50 -4.78
C VAL A 300 -19.27 17.69 -4.53
N ASN A 301 -19.72 17.85 -3.28
CA ASN A 301 -20.60 18.97 -2.86
C ASN A 301 -19.88 20.05 -2.07
N ARG A 302 -18.76 19.74 -1.45
CA ARG A 302 -18.07 20.67 -0.60
C ARG A 302 -16.58 20.26 -0.51
N ILE A 303 -15.74 21.31 -0.44
CA ILE A 303 -14.32 21.13 -0.14
C ILE A 303 -13.95 21.88 1.15
N THR A 304 -13.28 21.28 2.13
CA THR A 304 -12.71 22.02 3.21
C THR A 304 -11.22 21.76 3.23
N TYR A 305 -10.43 22.67 3.78
CA TYR A 305 -9.02 22.48 3.69
C TYR A 305 -8.25 23.37 4.72
N ARG A 306 -7.09 22.90 5.11
CA ARG A 306 -6.17 23.64 5.87
C ARG A 306 -5.64 24.83 5.15
N ASN A 307 -5.27 25.89 5.91
CA ASN A 307 -4.40 26.90 5.36
C ASN A 307 -3.12 26.20 4.80
N ASN A 308 -2.76 26.72 3.63
CA ASN A 308 -1.53 26.23 2.97
C ASN A 308 -1.51 24.67 2.78
N ALA A 309 -2.72 24.19 2.41
CA ALA A 309 -2.96 22.74 2.23
C ALA A 309 -1.93 22.04 1.31
N ILE A 310 -1.58 20.86 1.75
CA ILE A 310 -0.63 19.99 0.99
C ILE A 310 -1.37 18.69 0.56
N MET A 311 -1.34 18.40 -0.72
CA MET A 311 -1.87 17.18 -1.31
C MET A 311 -0.74 16.16 -1.46
N PRO A 312 -0.79 14.98 -0.81
CA PRO A 312 0.16 13.93 -1.12
C PRO A 312 -0.14 13.29 -2.48
N MET A 313 0.88 12.84 -3.19
CA MET A 313 0.76 12.21 -4.50
C MET A 313 1.74 11.07 -4.59
N SER A 314 1.23 9.95 -5.15
CA SER A 314 2.02 8.85 -5.56
C SER A 314 2.21 8.81 -7.06
N SER A 315 3.45 8.98 -7.54
CA SER A 315 3.76 8.85 -8.98
C SER A 315 4.15 7.41 -9.23
N CYS A 316 3.12 6.58 -9.37
CA CYS A 316 3.31 5.16 -9.33
C CYS A 316 3.75 4.51 -10.64
N GLY A 317 4.40 3.38 -10.59
CA GLY A 317 4.86 2.72 -11.80
C GLY A 317 5.91 1.68 -11.45
N ARG A 318 7.02 1.73 -12.22
CA ARG A 318 8.16 0.86 -11.97
C ARG A 318 8.77 1.17 -10.60
N LEU A 319 9.57 0.25 -10.10
CA LEU A 319 10.06 0.34 -8.75
C LEU A 319 10.78 1.65 -8.46
N THR A 320 10.67 2.21 -7.25
CA THR A 320 9.89 1.72 -6.10
C THR A 320 9.05 2.88 -5.55
N ASP A 321 7.79 2.62 -5.34
CA ASP A 321 6.91 3.62 -4.81
C ASP A 321 5.92 3.00 -3.81
N GLU A 322 4.93 3.82 -3.42
CA GLU A 322 3.97 3.46 -2.40
C GLU A 322 3.18 2.20 -2.80
N THR A 323 2.94 2.01 -4.06
CA THR A 323 2.20 0.82 -4.49
C THR A 323 2.99 -0.42 -4.23
N HIS A 324 4.29 -0.39 -4.10
CA HIS A 324 5.12 -1.56 -3.82
C HIS A 324 5.29 -1.69 -2.39
N THR A 325 5.71 -0.55 -1.71
CA THR A 325 6.11 -0.57 -0.34
C THR A 325 4.92 -0.83 0.56
N MET A 326 3.76 -0.29 0.19
CA MET A 326 2.51 -0.37 1.01
C MET A 326 1.60 -1.48 0.52
N ILE A 327 1.15 -1.56 -0.74
CA ILE A 327 0.23 -2.57 -1.17
C ILE A 327 0.86 -3.90 -0.91
N GLY A 328 2.06 -4.15 -1.43
CA GLY A 328 2.69 -5.45 -1.35
C GLY A 328 2.99 -5.85 0.07
N SER A 329 3.65 -4.98 0.84
CA SER A 329 4.11 -5.37 2.14
C SER A 329 2.94 -5.61 3.11
N LEU A 330 1.92 -4.73 3.00
CA LEU A 330 0.79 -4.83 3.91
C LEU A 330 -0.08 -6.02 3.57
N ALA A 331 -0.20 -6.39 2.30
CA ALA A 331 -0.87 -7.64 1.93
C ALA A 331 -0.12 -8.78 2.47
N ALA A 332 1.24 -8.78 2.35
CA ALA A 332 2.02 -9.84 2.89
C ALA A 332 1.82 -9.99 4.40
N ALA A 333 1.78 -8.89 5.12
CA ALA A 333 1.56 -8.93 6.55
C ALA A 333 0.24 -9.64 6.88
N GLU A 334 -0.81 -9.21 6.22
CA GLU A 334 -2.12 -9.85 6.46
C GLU A 334 -2.14 -11.31 6.09
N ILE A 335 -1.43 -11.69 5.01
CA ILE A 335 -1.33 -13.07 4.64
C ILE A 335 -0.61 -13.87 5.67
N ARG A 336 0.47 -13.33 6.28
CA ARG A 336 1.16 -14.03 7.33
C ARG A 336 0.21 -14.38 8.46
N LYS A 337 -0.53 -13.37 8.92
CA LYS A 337 -1.51 -13.58 10.00
C LYS A 337 -2.58 -14.59 9.61
N LEU A 338 -3.13 -14.48 8.42
CA LEU A 338 -4.16 -15.40 7.93
C LEU A 338 -3.65 -16.82 7.96
N CYS A 339 -2.40 -17.04 7.49
CA CYS A 339 -1.84 -18.35 7.52
C CYS A 339 -1.77 -18.90 8.94
N GLN A 340 -1.23 -18.11 9.84
CA GLN A 340 -1.10 -18.52 11.25
C GLN A 340 -2.46 -18.84 11.90
N GLN A 341 -3.49 -18.09 11.57
CA GLN A 341 -4.81 -18.32 12.10
C GLN A 341 -5.45 -19.56 11.54
N ASN A 342 -4.97 -20.06 10.39
CA ASN A 342 -5.37 -21.27 9.78
C ASN A 342 -4.45 -22.44 10.13
N ASP A 343 -3.63 -22.29 11.19
CA ASP A 343 -2.78 -23.29 11.74
C ASP A 343 -1.66 -23.71 10.81
N LEU A 344 -1.24 -22.84 9.89
CA LEU A 344 -0.14 -23.10 8.97
C LEU A 344 1.13 -22.56 9.61
N PRO A 345 2.25 -23.23 9.47
CA PRO A 345 3.47 -22.92 10.23
C PRO A 345 4.33 -21.81 9.51
N ILE A 346 3.71 -20.68 9.29
CA ILE A 346 4.32 -19.53 8.57
C ILE A 346 4.84 -18.56 9.62
N THR A 347 6.12 -18.14 9.54
CA THR A 347 6.70 -17.19 10.47
C THR A 347 6.74 -15.74 9.91
N ASP A 348 6.90 -15.65 8.60
CA ASP A 348 7.23 -14.37 7.96
C ASP A 348 6.64 -14.39 6.57
N ALA A 349 6.30 -13.22 6.05
CA ALA A 349 5.88 -13.08 4.70
C ALA A 349 6.30 -11.76 4.17
N PHE A 350 6.65 -11.68 2.89
CA PHE A 350 7.02 -10.43 2.26
C PHE A 350 6.76 -10.54 0.78
N ALA A 351 6.41 -9.47 0.11
CA ALA A 351 6.22 -9.44 -1.36
C ALA A 351 7.48 -8.93 -1.96
N PRO A 352 8.32 -9.74 -2.57
CA PRO A 352 9.60 -9.20 -3.14
C PRO A 352 9.37 -8.12 -4.10
N PHE A 353 10.14 -7.04 -4.00
CA PHE A 353 10.07 -5.98 -4.97
C PHE A 353 10.40 -6.48 -6.35
N GLU A 354 11.34 -7.41 -6.46
CA GLU A 354 11.76 -7.93 -7.72
C GLU A 354 10.64 -8.59 -8.52
N SER A 355 9.61 -9.09 -7.82
CA SER A 355 8.46 -9.70 -8.41
C SER A 355 7.42 -8.70 -8.82
N GLN A 356 7.75 -7.39 -8.68
CA GLN A 356 6.78 -6.35 -8.88
C GLN A 356 5.58 -6.54 -7.90
N VAL A 357 5.91 -6.99 -6.70
CA VAL A 357 4.99 -7.31 -5.62
C VAL A 357 3.83 -8.20 -6.05
N THR A 358 4.06 -9.09 -7.01
CA THR A 358 3.09 -10.11 -7.43
C THR A 358 3.33 -11.42 -6.75
N TRP A 359 4.47 -11.64 -6.11
CA TRP A 359 4.78 -12.81 -5.31
C TRP A 359 4.71 -12.47 -3.89
N VAL A 360 4.40 -13.45 -3.04
CA VAL A 360 4.70 -13.39 -1.62
C VAL A 360 5.52 -14.59 -1.25
N ALA A 361 6.65 -14.38 -0.59
CA ALA A 361 7.45 -15.42 -0.04
C ALA A 361 7.01 -15.68 1.39
N LEU A 362 6.76 -16.94 1.70
CA LEU A 362 6.30 -17.38 3.01
C LEU A 362 7.38 -18.23 3.63
N ARG A 363 7.92 -17.76 4.74
CA ARG A 363 8.93 -18.49 5.50
C ARG A 363 8.24 -19.50 6.40
N VAL A 364 8.63 -20.75 6.30
CA VAL A 364 8.04 -21.87 7.02
C VAL A 364 8.88 -22.23 8.18
N ASP A 365 8.24 -22.45 9.36
CA ASP A 365 8.88 -23.08 10.48
C ASP A 365 8.91 -24.58 10.24
N THR A 366 10.05 -25.06 9.79
CA THR A 366 10.15 -26.36 9.33
C THR A 366 10.09 -27.44 10.42
N GLU A 367 10.45 -27.09 11.62
CA GLU A 367 10.20 -28.03 12.72
C GLU A 367 8.69 -28.32 12.89
N LYS A 368 7.87 -27.30 12.83
CA LYS A 368 6.46 -27.50 12.83
C LYS A 368 5.99 -28.24 11.61
N LEU A 369 6.56 -27.92 10.46
CA LEU A 369 6.17 -28.66 9.26
C LEU A 369 6.45 -30.14 9.38
N ARG A 370 7.62 -30.49 9.90
CA ARG A 370 7.99 -31.88 10.04
C ARG A 370 7.00 -32.63 10.91
N ALA A 371 6.47 -31.97 11.95
CA ALA A 371 5.51 -32.59 12.86
C ALA A 371 4.23 -32.88 12.14
N MET A 372 3.86 -32.18 11.11
CA MET A 372 2.64 -32.34 10.38
C MET A 372 2.69 -33.58 9.54
N LYS A 373 3.85 -34.16 9.24
CA LYS A 373 3.97 -35.40 8.52
C LYS A 373 3.15 -35.38 7.19
N THR A 374 3.47 -34.33 6.39
CA THR A 374 2.74 -34.07 5.17
C THR A 374 3.70 -34.13 3.94
N THR A 375 3.19 -33.74 2.82
CA THR A 375 3.95 -33.71 1.59
C THR A 375 3.80 -32.40 0.91
N SER A 376 4.66 -32.13 -0.09
CA SER A 376 4.58 -30.91 -0.81
C SER A 376 3.24 -30.68 -1.47
N GLU A 377 2.74 -31.71 -2.16
N GLU A 377 2.72 -31.67 -2.17
CA GLU A 377 1.50 -31.56 -2.88
CA GLU A 377 1.54 -31.36 -2.92
C GLU A 377 0.37 -31.15 -1.91
C GLU A 377 0.36 -31.12 -1.91
N GLY A 378 0.30 -31.86 -0.82
CA GLY A 378 -0.76 -31.57 0.14
C GLY A 378 -0.62 -30.18 0.77
N PHE A 379 0.63 -29.81 1.17
CA PHE A 379 0.88 -28.58 1.86
C PHE A 379 0.63 -27.39 0.92
N ARG A 380 1.14 -27.50 -0.32
CA ARG A 380 0.89 -26.40 -1.30
C ARG A 380 -0.53 -26.14 -1.52
N LYS A 381 -1.35 -27.19 -1.62
N LYS A 381 -1.31 -27.24 -1.59
CA LYS A 381 -2.74 -27.04 -1.83
CA LYS A 381 -2.75 -27.09 -1.80
C LYS A 381 -3.40 -26.38 -0.64
C LYS A 381 -3.42 -26.41 -0.62
N ARG A 382 -3.00 -26.76 0.57
CA ARG A 382 -3.59 -26.18 1.74
C ARG A 382 -3.29 -24.67 1.84
N VAL A 383 -2.04 -24.30 1.59
CA VAL A 383 -1.63 -22.91 1.67
C VAL A 383 -2.37 -22.12 0.58
N GLY A 384 -2.37 -22.59 -0.65
CA GLY A 384 -2.99 -21.86 -1.68
C GLY A 384 -4.49 -21.71 -1.48
N ASP A 385 -5.15 -22.73 -0.98
N ASP A 385 -5.13 -22.74 -0.96
CA ASP A 385 -6.61 -22.58 -0.70
CA ASP A 385 -6.59 -22.70 -0.64
C ASP A 385 -6.82 -21.47 0.34
C ASP A 385 -6.90 -21.62 0.41
N VAL A 386 -6.07 -21.49 1.42
CA VAL A 386 -6.29 -20.49 2.46
C VAL A 386 -6.05 -19.10 1.83
N VAL A 387 -4.95 -18.85 1.16
CA VAL A 387 -4.60 -17.53 0.76
C VAL A 387 -5.35 -17.05 -0.45
N PHE A 388 -5.45 -17.89 -1.49
CA PHE A 388 -6.04 -17.41 -2.71
C PHE A 388 -7.53 -17.36 -2.69
N ASN A 389 -8.18 -17.94 -1.69
CA ASN A 389 -9.61 -17.80 -1.48
C ASN A 389 -9.95 -16.67 -0.56
N HIS A 390 -9.02 -15.88 -0.12
CA HIS A 390 -9.22 -14.78 0.78
C HIS A 390 -8.89 -13.46 0.13
N LYS A 391 -9.58 -12.43 0.52
CA LYS A 391 -9.30 -11.13 0.07
C LYS A 391 -7.84 -10.64 0.26
N ALA A 392 -7.19 -11.04 1.32
CA ALA A 392 -5.79 -10.64 1.53
C ALA A 392 -4.88 -11.16 0.43
N GLY A 393 -5.24 -12.28 -0.22
CA GLY A 393 -4.48 -12.80 -1.33
C GLY A 393 -4.75 -12.23 -2.69
N TYR A 394 -5.68 -11.27 -2.79
CA TYR A 394 -6.17 -10.76 -4.03
C TYR A 394 -5.05 -10.41 -5.03
N THR A 395 -4.12 -9.53 -4.61
CA THR A 395 -3.12 -9.01 -5.50
C THR A 395 -1.98 -9.94 -5.79
N ILE A 396 -1.91 -11.09 -5.10
CA ILE A 396 -0.76 -11.93 -5.15
C ILE A 396 -1.04 -13.14 -6.02
N HIS A 397 -0.19 -13.37 -7.00
CA HIS A 397 -0.38 -14.48 -7.95
C HIS A 397 0.56 -15.61 -7.76
N ARG A 398 1.69 -15.45 -7.06
CA ARG A 398 2.60 -16.59 -6.79
C ARG A 398 2.95 -16.54 -5.34
N LEU A 399 2.78 -17.65 -4.64
CA LEU A 399 3.31 -17.86 -3.32
C LEU A 399 4.52 -18.73 -3.41
N VAL A 400 5.62 -18.33 -2.76
CA VAL A 400 6.85 -19.13 -2.74
C VAL A 400 7.08 -19.58 -1.33
N LEU A 401 7.02 -20.89 -1.08
CA LEU A 401 7.29 -21.45 0.23
C LEU A 401 8.77 -21.65 0.41
N VAL A 402 9.38 -21.14 1.47
CA VAL A 402 10.80 -21.30 1.73
C VAL A 402 11.00 -21.72 3.13
N GLY A 403 12.10 -22.40 3.39
CA GLY A 403 12.46 -22.84 4.70
C GLY A 403 13.18 -21.78 5.52
N ASP A 404 13.52 -22.18 6.71
CA ASP A 404 13.98 -21.24 7.77
C ASP A 404 15.25 -20.58 7.48
N ASP A 405 16.06 -21.01 6.55
CA ASP A 405 17.31 -20.35 6.25
C ASP A 405 17.13 -19.11 5.43
N ILE A 406 16.00 -18.89 4.80
CA ILE A 406 15.78 -17.80 3.91
C ILE A 406 15.13 -16.65 4.62
N ASP A 407 15.75 -15.44 4.43
CA ASP A 407 15.20 -14.15 4.88
C ASP A 407 14.30 -13.65 3.77
N VAL A 408 12.98 -13.75 3.99
CA VAL A 408 12.06 -13.38 2.96
C VAL A 408 12.03 -11.89 2.64
N TYR A 409 12.64 -11.05 3.53
CA TYR A 409 12.71 -9.63 3.33
C TYR A 409 13.88 -9.26 2.42
N GLU A 410 14.72 -10.26 2.00
CA GLU A 410 15.84 -10.08 1.11
C GLU A 410 15.56 -10.76 -0.23
N GLY A 411 15.23 -9.95 -1.22
CA GLY A 411 14.83 -10.52 -2.49
C GLY A 411 15.87 -11.39 -3.16
N LYS A 412 17.19 -11.11 -3.00
N LYS A 412 17.16 -11.13 -2.97
CA LYS A 412 18.22 -11.99 -3.54
CA LYS A 412 18.11 -11.96 -3.61
C LYS A 412 18.10 -13.39 -3.02
C LYS A 412 18.07 -13.37 -3.04
N ASP A 413 17.76 -13.54 -1.77
CA ASP A 413 17.66 -14.85 -1.15
C ASP A 413 16.41 -15.59 -1.54
N VAL A 414 15.31 -14.88 -1.70
CA VAL A 414 14.11 -15.45 -2.23
C VAL A 414 14.30 -15.95 -3.67
N LEU A 415 14.95 -15.15 -4.49
N LEU A 415 14.95 -15.15 -4.50
CA LEU A 415 15.22 -15.55 -5.84
CA LEU A 415 15.18 -15.56 -5.86
C LEU A 415 16.12 -16.77 -5.92
C LEU A 415 16.13 -16.76 -5.93
N TRP A 416 17.14 -16.80 -5.09
CA TRP A 416 18.03 -17.92 -4.98
C TRP A 416 17.26 -19.20 -4.66
N ALA A 417 16.43 -19.14 -3.60
CA ALA A 417 15.69 -20.30 -3.18
C ALA A 417 14.69 -20.72 -4.26
N PHE A 418 13.95 -19.80 -4.83
CA PHE A 418 12.97 -20.14 -5.86
C PHE A 418 13.63 -20.85 -7.04
N SER A 419 14.78 -20.32 -7.49
N SER A 419 14.78 -20.31 -7.48
CA SER A 419 15.44 -20.80 -8.67
CA SER A 419 15.40 -20.77 -8.71
C SER A 419 16.13 -22.12 -8.50
C SER A 419 16.12 -22.10 -8.50
N THR A 420 16.47 -22.48 -7.31
CA THR A 420 17.29 -23.65 -6.99
C THR A 420 16.56 -24.79 -6.28
N ARG A 421 15.38 -24.49 -5.66
CA ARG A 421 14.68 -25.45 -4.83
C ARG A 421 13.30 -25.83 -5.32
N CYS A 422 12.77 -25.10 -6.25
CA CYS A 422 11.40 -25.40 -6.78
C CYS A 422 11.51 -25.88 -8.21
N ARG A 423 11.29 -27.19 -8.42
CA ARG A 423 11.29 -27.78 -9.75
C ARG A 423 10.08 -27.31 -10.51
N PRO A 424 10.25 -26.64 -11.65
CA PRO A 424 9.07 -26.16 -12.40
C PRO A 424 8.13 -27.28 -12.67
N GLY A 425 6.81 -26.99 -12.50
CA GLY A 425 5.76 -27.96 -12.70
C GLY A 425 5.53 -28.88 -11.56
N MET A 426 6.45 -29.82 -11.31
CA MET A 426 6.31 -30.81 -10.27
C MET A 426 6.12 -30.25 -8.88
N ASP A 427 6.86 -29.18 -8.56
CA ASP A 427 6.85 -28.60 -7.26
C ASP A 427 5.91 -27.41 -7.14
N GLU A 428 4.93 -27.34 -8.04
CA GLU A 428 4.02 -26.22 -8.10
C GLU A 428 2.59 -26.74 -8.21
N THR A 429 1.66 -25.93 -7.71
CA THR A 429 0.23 -26.18 -7.90
C THR A 429 -0.40 -24.95 -8.46
N LEU A 430 -1.06 -25.05 -9.62
CA LEU A 430 -1.76 -24.03 -10.24
C LEU A 430 -3.18 -23.90 -9.72
N PHE A 431 -3.68 -22.71 -9.63
CA PHE A 431 -5.05 -22.36 -9.12
C PHE A 431 -5.73 -21.55 -10.18
N GLU A 432 -6.68 -22.16 -10.91
CA GLU A 432 -7.39 -21.49 -11.92
C GLU A 432 -8.77 -21.00 -11.48
N ASP A 433 -9.27 -21.52 -10.38
CA ASP A 433 -10.63 -21.19 -9.92
C ASP A 433 -10.64 -20.32 -8.67
N VAL A 434 -9.82 -19.31 -8.70
CA VAL A 434 -9.72 -18.30 -7.69
C VAL A 434 -9.82 -16.93 -8.37
N ARG A 435 -10.13 -15.91 -7.58
CA ARG A 435 -10.14 -14.53 -8.12
C ARG A 435 -8.76 -14.11 -8.53
N GLY A 436 -8.62 -13.55 -9.70
CA GLY A 436 -7.36 -13.00 -10.19
C GLY A 436 -7.35 -11.46 -10.09
N PHE A 437 -6.14 -10.89 -10.17
CA PHE A 437 -5.97 -9.43 -10.04
C PHE A 437 -5.82 -8.87 -11.46
N PRO A 438 -6.89 -8.25 -11.99
CA PRO A 438 -6.88 -7.91 -13.43
C PRO A 438 -5.85 -6.87 -13.79
N LEU A 439 -5.36 -6.05 -12.86
N LEU A 439 -5.35 -6.08 -12.84
CA LEU A 439 -4.40 -5.01 -13.21
CA LEU A 439 -4.35 -5.04 -13.09
C LEU A 439 -3.07 -5.61 -13.63
C LEU A 439 -3.08 -5.62 -13.63
N ILE A 440 -2.71 -6.83 -13.26
CA ILE A 440 -1.45 -7.42 -13.75
C ILE A 440 -1.57 -7.54 -15.22
N PRO A 441 -0.60 -7.10 -16.03
CA PRO A 441 -0.76 -7.14 -17.47
C PRO A 441 -1.12 -8.55 -18.05
N TYR A 442 -0.48 -9.58 -17.53
CA TYR A 442 -0.78 -10.92 -18.03
C TYR A 442 -2.18 -11.37 -17.69
N MET A 443 -2.94 -10.68 -16.83
CA MET A 443 -4.31 -10.94 -16.50
C MET A 443 -5.19 -10.11 -17.42
N GLY A 444 -5.34 -8.82 -17.14
CA GLY A 444 -6.28 -8.01 -17.88
C GLY A 444 -5.97 -7.76 -19.36
N HIS A 445 -4.71 -7.88 -19.72
CA HIS A 445 -4.27 -7.76 -21.08
C HIS A 445 -3.63 -9.04 -21.63
N GLY A 446 -3.93 -10.14 -21.01
CA GLY A 446 -3.30 -11.38 -21.33
C GLY A 446 -4.11 -12.33 -22.17
N ASN A 447 -3.75 -13.58 -22.11
CA ASN A 447 -4.32 -14.63 -22.91
C ASN A 447 -5.49 -15.35 -22.34
N GLY A 448 -5.82 -15.10 -21.07
CA GLY A 448 -6.86 -15.80 -20.34
C GLY A 448 -7.86 -14.89 -19.70
N PRO A 449 -8.76 -15.45 -18.89
CA PRO A 449 -9.77 -14.61 -18.20
C PRO A 449 -9.09 -13.55 -17.35
N ALA A 450 -9.57 -12.31 -17.41
CA ALA A 450 -8.96 -11.25 -16.65
C ALA A 450 -9.13 -11.39 -15.15
N HIS A 451 -10.21 -12.00 -14.74
CA HIS A 451 -10.62 -11.99 -13.34
C HIS A 451 -10.48 -13.29 -12.61
N ARG A 452 -9.99 -14.35 -13.28
CA ARG A 452 -10.00 -15.64 -12.68
C ARG A 452 -8.68 -16.34 -13.05
N GLY A 453 -8.16 -16.98 -12.04
CA GLY A 453 -7.01 -17.88 -12.19
C GLY A 453 -5.69 -17.18 -12.33
N GLY A 454 -4.75 -17.94 -12.91
CA GLY A 454 -3.38 -17.39 -13.09
C GLY A 454 -2.58 -17.38 -11.83
N LYS A 455 -2.93 -18.19 -10.82
CA LYS A 455 -2.20 -18.23 -9.55
C LYS A 455 -1.50 -19.51 -9.33
N VAL A 456 -0.43 -19.52 -8.54
CA VAL A 456 0.37 -20.66 -8.35
C VAL A 456 0.99 -20.67 -6.96
N VAL A 457 1.13 -21.82 -6.34
CA VAL A 457 1.98 -22.05 -5.20
C VAL A 457 3.22 -22.76 -5.65
N SER A 458 4.39 -22.16 -5.45
CA SER A 458 5.68 -22.70 -5.80
C SER A 458 6.39 -23.17 -4.56
N ASP A 459 6.62 -24.47 -4.39
CA ASP A 459 7.23 -24.97 -3.22
C ASP A 459 8.76 -25.01 -3.33
N ALA A 460 9.43 -24.10 -2.66
CA ALA A 460 10.90 -24.05 -2.59
C ALA A 460 11.40 -24.64 -1.31
N LEU A 461 10.57 -25.48 -0.64
CA LEU A 461 11.03 -26.36 0.39
C LEU A 461 11.68 -27.59 -0.22
N MET A 462 12.81 -28.02 0.28
CA MET A 462 13.48 -29.23 -0.19
C MET A 462 12.88 -30.44 0.47
N PRO A 463 13.01 -31.64 -0.13
CA PRO A 463 12.29 -32.80 0.38
C PRO A 463 12.55 -33.11 1.82
N THR A 464 13.75 -33.02 2.30
CA THR A 464 14.03 -33.39 3.67
C THR A 464 13.51 -32.37 4.66
N GLU A 465 13.09 -31.22 4.20
CA GLU A 465 12.47 -30.24 5.11
C GLU A 465 11.12 -30.72 5.62
N TYR A 466 10.47 -31.63 4.91
CA TYR A 466 9.23 -32.24 5.35
C TYR A 466 9.43 -33.45 6.26
N THR A 467 10.65 -34.01 6.33
CA THR A 467 10.90 -35.30 6.96
C THR A 467 11.91 -35.18 8.09
N THR A 468 13.18 -35.13 7.80
CA THR A 468 14.21 -35.27 8.76
C THR A 468 15.07 -33.96 9.00
N GLY A 469 14.95 -32.99 8.13
CA GLY A 469 15.58 -31.71 8.33
C GLY A 469 16.53 -31.36 7.14
N ARG A 470 16.90 -30.14 7.04
CA ARG A 470 17.83 -29.66 6.00
C ARG A 470 19.04 -30.52 5.94
N ASN A 471 19.47 -30.90 4.75
CA ASN A 471 20.57 -31.82 4.48
C ASN A 471 21.69 -31.19 3.60
N TRP A 472 21.74 -29.88 3.54
CA TRP A 472 22.76 -29.16 2.84
C TRP A 472 23.36 -28.08 3.72
N GLU A 473 24.48 -27.56 3.29
CA GLU A 473 25.05 -26.33 3.71
C GLU A 473 25.19 -25.41 2.51
N ALA A 474 25.03 -24.12 2.65
CA ALA A 474 25.29 -23.25 1.51
C ALA A 474 26.77 -23.23 1.20
N ALA A 475 27.09 -23.10 -0.08
CA ALA A 475 28.41 -22.87 -0.59
C ALA A 475 28.64 -21.35 -0.65
N ASP A 476 28.72 -20.78 0.54
CA ASP A 476 28.91 -19.38 0.72
C ASP A 476 29.91 -19.12 1.81
N PHE A 477 30.37 -17.89 1.94
CA PHE A 477 31.33 -17.59 2.98
C PHE A 477 30.80 -17.93 4.37
N ASN A 478 29.53 -17.63 4.61
CA ASN A 478 28.99 -17.86 5.95
C ASN A 478 28.98 -19.32 6.34
N GLN A 479 28.60 -20.20 5.44
CA GLN A 479 28.30 -21.56 5.84
C GLN A 479 29.39 -22.57 5.50
N SER A 480 30.34 -22.25 4.64
N SER A 480 30.31 -22.32 4.59
CA SER A 480 31.26 -23.21 4.08
CA SER A 480 31.27 -23.34 4.18
C SER A 480 32.60 -23.16 4.77
C SER A 480 32.61 -23.20 4.83
N TYR A 481 32.73 -22.30 5.81
CA TYR A 481 34.00 -22.10 6.49
C TYR A 481 33.74 -21.98 7.98
N PRO A 482 34.62 -22.51 8.83
CA PRO A 482 34.42 -22.39 10.27
C PRO A 482 34.55 -20.99 10.76
N GLU A 483 33.89 -20.79 11.93
CA GLU A 483 33.83 -19.49 12.60
C GLU A 483 35.16 -18.78 12.76
N ASP A 484 36.12 -19.55 13.24
N ASP A 484 36.08 -19.56 13.29
CA ASP A 484 37.43 -18.93 13.54
CA ASP A 484 37.37 -18.97 13.62
C ASP A 484 38.20 -18.46 12.31
C ASP A 484 38.11 -18.46 12.32
N LEU A 485 38.04 -19.20 11.23
CA LEU A 485 38.58 -18.81 9.94
C LEU A 485 37.90 -17.58 9.38
N LYS A 486 36.54 -17.59 9.40
CA LYS A 486 35.84 -16.45 8.88
C LYS A 486 36.40 -15.13 9.58
N GLN A 487 36.44 -15.26 10.93
CA GLN A 487 36.83 -14.12 11.68
C GLN A 487 38.21 -13.63 11.40
N LYS A 488 39.12 -14.58 11.17
CA LYS A 488 40.47 -14.27 10.75
C LYS A 488 40.52 -13.54 9.40
N VAL A 489 39.76 -14.10 8.44
CA VAL A 489 39.69 -13.45 7.15
C VAL A 489 39.21 -12.01 7.29
N LEU A 490 38.11 -11.86 8.04
CA LEU A 490 37.57 -10.53 8.20
C LEU A 490 38.56 -9.52 8.88
N ASP A 491 39.22 -10.10 9.89
CA ASP A 491 40.13 -9.27 10.68
C ASP A 491 41.32 -8.87 9.85
N ASN A 492 41.77 -9.69 8.89
CA ASN A 492 42.90 -9.39 8.06
C ASN A 492 42.58 -8.78 6.72
N TRP A 493 41.32 -8.54 6.44
CA TRP A 493 40.85 -8.15 5.10
C TRP A 493 41.52 -6.91 4.57
N THR A 494 41.42 -5.82 5.34
CA THR A 494 41.98 -4.59 4.79
C THR A 494 43.54 -4.63 4.85
N LYS A 495 44.14 -5.34 5.83
CA LYS A 495 45.60 -5.53 5.97
C LYS A 495 46.16 -6.16 4.74
N MET A 496 45.46 -7.25 4.27
CA MET A 496 45.85 -7.94 3.06
C MET A 496 45.85 -7.05 1.88
N GLY A 497 44.96 -6.08 1.69
CA GLY A 497 44.77 -5.20 0.49
C GLY A 497 43.35 -5.11 -0.08
N PHE A 498 42.33 -5.72 0.54
CA PHE A 498 40.97 -5.76 0.03
C PHE A 498 40.14 -4.56 0.57
N SER A 499 38.91 -4.28 0.09
CA SER A 499 38.12 -3.08 0.49
C SER A 499 37.24 -3.64 1.56
N HIS A 503 28.19 0.96 7.61
CA HIS A 503 26.77 0.64 7.81
C HIS A 503 25.82 1.78 7.59
N HIS A 504 26.10 2.97 8.13
CA HIS A 504 25.05 4.00 8.05
C HIS A 504 25.07 4.79 6.77
N HIS A 505 26.01 4.52 5.84
CA HIS A 505 26.07 5.40 4.65
C9 4LU B . -3.06 1.56 -2.44
C8 4LU B . -1.98 2.51 -2.47
C7 4LU B . -1.85 3.32 -3.56
C10 4LU B . -5.88 0.39 -4.47
C6 4LU B . -2.76 3.21 -4.74
N3 4LU B . -8.00 0.57 -6.21
C2 4LU B . -7.99 -0.35 -5.23
C13 4LU B . -3.96 5.14 -5.74
C5 4LU B . -2.80 4.03 -6.00
C1 4LU B . -4.34 2.52 -6.95
O2 4LU B . -8.93 -0.98 -5.16
N1 4LU B . -6.91 -0.43 -4.34
C4 4LU B . -6.94 1.43 -6.43
O4 4LU B . -7.44 2.01 -7.37
C4A 4LU B . -5.83 1.30 -5.53
N5 4LU B . -4.59 1.99 -5.76
C3 4LU B . -3.22 3.33 -7.17
C12 4LU B . -1.60 4.94 -6.30
C5A 4LU B . -3.78 2.16 -4.65
C7M 4LU B . -0.79 4.36 -3.55
C8M 4LU B . -1.08 2.57 -1.29
C9A 4LU B . -3.86 1.39 -3.58
N10 4LU B . -4.88 0.37 -3.51
C1' 4LU B . -4.82 -0.82 -2.69
C2' 4LU B . -5.96 -0.79 -1.52
O2' 4LU B . -5.65 0.49 -0.82
C3' 4LU B . -5.65 -1.89 -0.60
O3' 4LU B . -6.00 -3.08 -1.36
C4' 4LU B . -6.49 -1.86 0.65
O4' 4LU B . -6.43 -3.15 1.29
C5' 4LU B . -7.93 -1.50 0.36
O5' 4LU B . -8.62 -1.24 1.73
P 4LU B . -9.84 -2.22 2.11
O2P 4LU B . -10.51 -1.51 3.32
O3P 4LU B . -9.22 -3.52 2.59
O1P 4LU B . -10.68 -2.41 0.86
O1 FZZ C . -5.11 -1.93 -7.21
C1 FZZ C . -4.93 -2.02 -5.99
N1 FZZ C . -5.09 -3.17 -5.30
C2 FZZ C . -5.07 -3.23 -3.96
O2 FZZ C . -5.20 -4.40 -3.33
N2 FZZ C . -4.89 -2.16 -3.19
C3 FZZ C . -4.88 -0.79 -5.20
N3 FZZ C . -4.92 0.45 -5.91
C4 FZZ C . -4.62 1.61 -5.44
C5 FZZ C . -4.71 2.82 -6.29
C6 FZZ C . -3.40 3.63 -5.89
C7 FZZ C . -2.43 3.36 -7.02
C8 FZZ C . -3.91 5.08 -5.76
C9 FZZ C . -2.95 3.05 -4.56
C10 FZZ C . -2.01 3.45 -3.67
C11 FZZ C . -1.11 4.66 -3.90
C12 FZZ C . -1.99 2.65 -2.50
C13 FZZ C . -1.04 3.02 -1.42
C14 FZZ C . -2.84 1.53 -2.20
C15 FZZ C . -3.77 1.90 -4.29
C16 FZZ C . -3.76 1.17 -3.14
C17 FZZ C . -4.76 -0.95 -3.78
N4 FZZ C . -4.60 0.05 -2.85
C18 FZZ C . -5.36 -0.15 -1.67
C19 FZZ C . -6.74 -0.08 -1.67
O3 FZZ C . -7.37 0.93 -2.24
C20 FZZ C . -7.36 -0.45 -0.34
O4 FZZ C . -6.81 0.52 0.57
C21 FZZ C . -7.06 -1.84 0.10
O5 FZZ C . -8.05 -2.72 -0.54
C22 FZZ C . -7.19 -2.08 1.60
O6 FZZ C . -8.42 -1.58 2.21
P1 FZZ C . -9.76 -2.38 2.29
O7 FZZ C . -9.37 -3.73 2.71
O8 FZZ C . -10.49 -1.56 3.34
O9 FZZ C . -10.52 -2.35 0.96
MN MN D . -11.35 -2.20 5.11
MN MN D . -11.26 -2.31 5.52
K K E . -8.08 -0.63 4.58
K K E . -7.92 -1.00 5.14
K K F . 10.71 -28.17 -3.81
#